data_3DPI
#
_entry.id   3DPI
#
_cell.length_a   76.315
_cell.length_b   76.315
_cell.length_c   183.772
_cell.angle_alpha   90.000
_cell.angle_beta   90.000
_cell.angle_gamma   90.000
#
_symmetry.space_group_name_H-M   'P 41 21 2'
#
loop_
_entity.id
_entity.type
_entity.pdbx_description
1 polymer 'NAD+ synthetase'
2 non-polymer 'ACETATE ION'
3 water water
#
_entity_poly.entity_id   1
_entity_poly.type   'polypeptide(L)'
_entity_poly.pdbx_seq_one_letter_code
;SMSRPDQAARRRAIAAELHVSPTFDARDEAERRIGFVADYLRTAGLRACVLGISGGIDSSTAGRLAQLAVERLRASGYDA
RFVAMRLPYGAQHDEADARRALAFVRADETLTVDVKPAADAMLAALAAGGLAYLDHAQQDFVLGNIKARERMIAQYAVAG
ARNGVVIGTDHAAESVMGFFTKFGDGGADVLPLAGLTKRRVRALARMLGADEPLVLKTPTADLETLRPQRPDEHAYGITY
EQIDDFLEGKPMDDAVAETVLRFYDATRHKRALPYTMFDWPGHPA
;
_entity_poly.pdbx_strand_id   A,B
#
# COMPACT_ATOMS: atom_id res chain seq x y z
N SER A 1 -1.02 5.53 33.69
CA SER A 1 -2.25 6.38 33.74
C SER A 1 -2.43 6.96 35.11
N MET A 2 -1.66 6.46 36.06
CA MET A 2 -1.19 7.28 37.15
C MET A 2 0.07 7.82 36.51
N SER A 3 0.22 7.51 35.23
CA SER A 3 1.37 8.00 34.46
C SER A 3 0.94 9.06 33.45
N ARG A 4 1.56 10.24 33.53
CA ARG A 4 1.19 11.35 32.68
C ARG A 4 2.41 11.95 31.98
N PRO A 5 2.97 11.20 31.01
CA PRO A 5 4.17 11.63 30.29
C PRO A 5 4.06 13.02 29.69
N ASP A 6 5.16 13.76 29.76
CA ASP A 6 5.23 15.11 29.23
C ASP A 6 5.23 15.06 27.70
N GLN A 7 4.61 16.08 27.09
CA GLN A 7 4.58 16.22 25.65
C GLN A 7 5.98 16.07 25.05
N ALA A 8 6.98 16.66 25.70
CA ALA A 8 8.35 16.57 25.24
C ALA A 8 8.80 15.14 25.28
N ALA A 9 8.32 14.43 26.28
CA ALA A 9 8.66 13.02 26.47
C ALA A 9 8.00 12.22 25.37
N ARG A 10 6.71 12.47 25.18
CA ARG A 10 5.98 11.79 24.11
C ARG A 10 6.61 12.02 22.74
N ARG A 11 6.95 13.27 22.41
CA ARG A 11 7.71 13.56 21.20
C ARG A 11 9.03 12.77 21.08
N ARG A 12 9.72 12.54 22.21
CA ARG A 12 11.05 11.88 22.18
C ARG A 12 11.05 10.62 21.30
N ALA A 13 9.95 9.91 21.19
CA ALA A 13 9.72 8.61 21.78
C ALA A 13 8.98 8.13 20.48
N ILE A 14 7.91 8.84 20.11
CA ILE A 14 7.45 8.86 18.73
C ILE A 14 8.61 9.03 17.73
N ALA A 15 9.51 9.97 18.00
CA ALA A 15 10.61 10.22 17.10
C ALA A 15 11.51 9.00 16.92
N ALA A 16 11.74 8.27 18.00
CA ALA A 16 12.59 7.07 17.94
C ALA A 16 11.81 5.99 17.21
N GLU A 17 10.50 5.97 17.42
CA GLU A 17 9.65 5.00 16.79
C GLU A 17 9.75 5.13 15.28
N LEU A 18 9.87 6.37 14.83
CA LEU A 18 9.90 6.67 13.44
C LEU A 18 11.28 6.79 12.94
N HIS A 19 12.26 6.61 13.78
CA HIS A 19 13.62 6.66 13.33
C HIS A 19 14.21 8.03 12.96
N VAL A 20 13.67 9.08 13.52
CA VAL A 20 14.24 10.40 13.45
C VAL A 20 15.37 10.44 14.43
N SER A 21 16.60 10.57 13.99
CA SER A 21 17.73 10.61 14.92
C SER A 21 17.87 11.96 15.57
N PRO A 22 18.57 12.03 16.69
CA PRO A 22 18.64 13.26 17.47
C PRO A 22 19.50 14.29 16.78
N THR A 23 20.60 13.84 16.25
CA THR A 23 21.39 14.68 15.41
C THR A 23 21.34 14.21 13.96
N PHE A 24 21.59 15.14 13.06
CA PHE A 24 21.60 14.86 11.68
C PHE A 24 22.81 15.47 11.02
N ASP A 25 23.58 14.66 10.35
CA ASP A 25 24.62 15.18 9.52
C ASP A 25 24.30 14.73 8.13
N ALA A 26 24.16 15.66 7.22
CA ALA A 26 23.75 15.36 5.88
C ALA A 26 24.78 14.66 5.06
N ARG A 27 26.04 14.96 5.29
CA ARG A 27 27.12 14.41 4.49
C ARG A 27 27.18 12.94 4.59
N ASP A 28 27.03 12.40 5.76
CA ASP A 28 27.06 10.99 5.82
C ASP A 28 25.76 10.25 5.93
N GLU A 29 24.65 10.97 5.95
CA GLU A 29 23.41 10.31 5.86
C GLU A 29 23.28 10.00 4.42
N ALA A 30 23.87 10.84 3.60
CA ALA A 30 23.85 10.64 2.20
C ALA A 30 24.60 9.38 1.88
N GLU A 31 25.83 9.31 2.36
CA GLU A 31 26.70 8.21 2.13
C GLU A 31 26.05 6.93 2.54
N ARG A 32 25.36 6.92 3.64
CA ARG A 32 24.77 5.71 4.14
C ARG A 32 23.42 5.29 3.56
N ARG A 33 22.78 6.19 2.85
CA ARG A 33 21.47 5.90 2.33
C ARG A 33 21.69 5.35 0.96
N ILE A 34 22.67 5.90 0.30
CA ILE A 34 23.19 5.28 -0.87
C ILE A 34 23.53 3.81 -0.63
N GLY A 35 24.58 3.54 0.12
CA GLY A 35 24.97 2.17 0.35
C GLY A 35 23.79 1.30 0.66
N PHE A 36 22.81 1.79 1.40
CA PHE A 36 21.68 0.99 1.79
C PHE A 36 20.92 0.49 0.61
N VAL A 37 20.74 1.36 -0.37
CA VAL A 37 19.98 1.04 -1.55
C VAL A 37 20.73 0.00 -2.30
N ALA A 38 21.99 0.25 -2.56
CA ALA A 38 22.87 -0.73 -3.17
C ALA A 38 22.80 -2.09 -2.50
N ASP A 39 23.19 -2.18 -1.25
CA ASP A 39 23.21 -3.44 -0.60
C ASP A 39 21.88 -4.15 -0.67
N TYR A 40 20.79 -3.42 -0.74
CA TYR A 40 19.52 -4.10 -0.79
C TYR A 40 19.33 -4.77 -2.13
N LEU A 41 19.79 -4.11 -3.16
CA LEU A 41 19.65 -4.64 -4.47
C LEU A 41 20.40 -5.96 -4.59
N ARG A 42 21.72 -5.99 -4.43
CA ARG A 42 22.44 -7.27 -4.44
C ARG A 42 21.78 -8.28 -3.54
N THR A 43 21.69 -7.98 -2.28
CA THR A 43 21.12 -8.95 -1.40
C THR A 43 19.83 -9.59 -1.88
N ALA A 44 19.13 -8.92 -2.77
CA ALA A 44 17.88 -9.48 -3.25
C ALA A 44 18.04 -10.16 -4.57
N GLY A 45 19.10 -9.84 -5.30
CA GLY A 45 19.26 -10.33 -6.64
C GLY A 45 18.83 -9.39 -7.75
N LEU A 46 18.10 -8.34 -7.40
CA LEU A 46 17.57 -7.34 -8.33
C LEU A 46 18.58 -6.55 -9.15
N ARG A 47 18.19 -6.15 -10.36
CA ARG A 47 19.07 -5.41 -11.25
C ARG A 47 18.62 -4.01 -11.64
N ALA A 48 17.48 -3.58 -11.15
CA ALA A 48 16.99 -2.28 -11.51
C ALA A 48 16.21 -1.69 -10.40
N CYS A 49 16.14 -0.39 -10.33
CA CYS A 49 15.13 0.25 -9.48
C CYS A 49 14.45 1.37 -10.27
N VAL A 50 13.27 1.76 -9.80
CA VAL A 50 12.40 2.66 -10.56
C VAL A 50 11.83 3.72 -9.64
N LEU A 51 11.67 4.94 -10.17
CA LEU A 51 11.03 6.03 -9.42
C LEU A 51 10.36 7.07 -10.31
N GLY A 52 9.12 7.44 -10.00
CA GLY A 52 8.46 8.60 -10.61
C GLY A 52 9.04 9.90 -10.10
N ILE A 53 9.48 10.73 -11.04
CA ILE A 53 10.10 12.02 -10.74
C ILE A 53 9.04 13.14 -10.89
N SER A 54 8.54 13.66 -9.79
CA SER A 54 7.39 14.56 -9.88
C SER A 54 7.76 16.02 -10.16
N GLY A 55 9.02 16.39 -9.95
CA GLY A 55 9.41 17.80 -9.93
C GLY A 55 9.62 18.30 -8.49
N GLY A 56 9.07 17.54 -7.53
CA GLY A 56 9.09 17.89 -6.09
C GLY A 56 10.29 17.28 -5.37
N ILE A 57 10.70 17.87 -4.25
CA ILE A 57 12.03 17.63 -3.69
C ILE A 57 12.24 16.20 -3.16
N ASP A 58 11.21 15.56 -2.65
CA ASP A 58 11.37 14.21 -2.07
C ASP A 58 11.75 13.25 -3.18
N SER A 59 11.04 13.32 -4.30
CA SER A 59 11.37 12.47 -5.47
C SER A 59 12.67 12.87 -6.15
N SER A 60 13.00 14.15 -6.14
CA SER A 60 14.30 14.59 -6.65
C SER A 60 15.44 13.98 -5.84
N THR A 61 15.24 13.91 -4.52
CA THR A 61 16.27 13.46 -3.60
C THR A 61 16.40 11.95 -3.58
N ALA A 62 15.27 11.26 -3.46
CA ALA A 62 15.25 9.79 -3.49
C ALA A 62 15.78 9.34 -4.83
N GLY A 63 15.43 10.11 -5.86
CA GLY A 63 15.86 9.83 -7.24
C GLY A 63 17.38 9.89 -7.40
N ARG A 64 17.96 11.02 -7.01
CA ARG A 64 19.39 11.22 -7.10
C ARG A 64 20.18 10.14 -6.32
N LEU A 65 19.69 9.79 -5.13
CA LEU A 65 20.23 8.78 -4.27
C LEU A 65 20.22 7.44 -4.94
N ALA A 66 19.21 7.18 -5.74
CA ALA A 66 19.11 5.93 -6.42
C ALA A 66 20.05 5.87 -7.58
N GLN A 67 20.27 6.97 -8.24
CA GLN A 67 21.16 7.01 -9.36
C GLN A 67 22.61 6.90 -8.93
N LEU A 68 22.92 7.37 -7.73
CA LEU A 68 24.25 7.23 -7.19
C LEU A 68 24.46 5.85 -6.64
N ALA A 69 23.45 5.25 -6.10
CA ALA A 69 23.52 3.89 -5.69
C ALA A 69 23.84 2.88 -6.79
N VAL A 70 23.19 2.98 -7.95
CA VAL A 70 23.49 2.10 -9.04
C VAL A 70 24.82 2.44 -9.60
N GLU A 71 25.18 3.70 -9.55
CA GLU A 71 26.44 4.08 -10.13
C GLU A 71 27.54 3.47 -9.28
N ARG A 72 27.24 3.24 -8.02
CA ARG A 72 28.16 2.67 -7.08
C ARG A 72 28.21 1.19 -7.32
N LEU A 73 27.05 0.58 -7.40
CA LEU A 73 26.91 -0.85 -7.57
C LEU A 73 27.76 -1.23 -8.70
N ARG A 74 27.61 -0.52 -9.77
CA ARG A 74 28.42 -0.86 -10.87
C ARG A 74 29.84 -0.96 -10.36
N ALA A 75 30.40 0.12 -9.87
CA ALA A 75 31.76 0.09 -9.38
C ALA A 75 32.09 -1.18 -8.59
N SER A 76 31.19 -1.62 -7.74
CA SER A 76 31.37 -2.80 -6.94
C SER A 76 31.38 -4.00 -7.89
N GLY A 77 31.17 -3.68 -9.15
CA GLY A 77 31.12 -4.66 -10.22
C GLY A 77 29.71 -5.11 -10.52
N TYR A 78 28.79 -5.02 -9.56
CA TYR A 78 27.45 -5.58 -9.70
C TYR A 78 26.42 -4.82 -10.49
N ASP A 79 26.22 -5.20 -11.74
CA ASP A 79 25.48 -4.39 -12.66
C ASP A 79 24.09 -4.15 -12.26
N ALA A 80 23.65 -2.94 -12.55
CA ALA A 80 22.31 -2.52 -12.22
C ALA A 80 22.07 -1.17 -12.84
N ARG A 81 20.78 -0.80 -12.89
CA ARG A 81 20.36 0.44 -13.54
C ARG A 81 19.15 1.09 -12.85
N PHE A 82 19.02 2.40 -13.05
CA PHE A 82 17.98 3.20 -12.42
C PHE A 82 17.08 3.72 -13.51
N VAL A 83 15.78 3.47 -13.41
CA VAL A 83 14.86 4.04 -14.39
C VAL A 83 14.03 5.15 -13.74
N ALA A 84 14.28 6.40 -14.12
CA ALA A 84 13.40 7.51 -13.71
C ALA A 84 12.15 7.53 -14.56
N MET A 85 11.01 7.83 -13.97
CA MET A 85 9.81 7.98 -14.82
C MET A 85 9.21 9.37 -14.69
N ARG A 86 8.92 9.97 -15.83
CA ARG A 86 8.10 11.16 -15.87
C ARG A 86 6.66 10.72 -16.10
N LEU A 87 5.75 11.17 -15.25
CA LEU A 87 4.40 10.62 -15.27
C LEU A 87 3.33 11.71 -15.32
N PRO A 88 3.28 12.44 -16.40
CA PRO A 88 2.32 13.53 -16.53
C PRO A 88 0.86 13.07 -16.56
N TYR A 89 -0.02 13.90 -16.07
CA TYR A 89 -1.44 13.73 -16.26
C TYR A 89 -1.81 14.66 -17.40
N GLY A 90 -1.74 14.15 -18.60
CA GLY A 90 -1.96 14.93 -19.77
C GLY A 90 -0.92 16.02 -19.96
N ALA A 91 -1.39 17.20 -20.34
CA ALA A 91 -0.54 18.29 -20.82
C ALA A 91 -0.52 19.56 -20.01
N GLU A 95 5.20 19.88 -18.04
CA GLU A 95 5.41 20.50 -16.76
C GLU A 95 6.86 20.79 -16.54
N ALA A 96 7.09 22.03 -16.19
CA ALA A 96 8.40 22.58 -16.01
C ALA A 96 9.10 22.01 -14.81
N ASP A 97 8.37 21.77 -13.74
CA ASP A 97 9.02 21.29 -12.53
C ASP A 97 9.70 19.94 -12.79
N ALA A 98 8.99 19.00 -13.38
CA ALA A 98 9.52 17.68 -13.58
C ALA A 98 10.74 17.57 -14.46
N ARG A 99 10.77 18.31 -15.56
CA ARG A 99 11.90 18.36 -16.48
C ARG A 99 13.16 18.88 -15.83
N ARG A 100 13.03 19.78 -14.89
CA ARG A 100 14.14 20.33 -14.18
C ARG A 100 14.66 19.36 -13.17
N ALA A 101 13.77 18.67 -12.51
CA ALA A 101 14.16 17.66 -11.58
C ALA A 101 14.92 16.56 -12.28
N LEU A 102 14.45 16.17 -13.45
CA LEU A 102 15.09 15.13 -14.19
C LEU A 102 16.52 15.50 -14.50
N ALA A 103 16.74 16.73 -14.90
CA ALA A 103 18.06 17.25 -15.20
C ALA A 103 19.03 17.14 -14.04
N PHE A 104 18.52 17.21 -12.83
CA PHE A 104 19.33 17.10 -11.63
C PHE A 104 19.56 15.63 -11.26
N VAL A 105 18.57 14.78 -11.54
CA VAL A 105 18.67 13.38 -11.15
C VAL A 105 19.65 12.67 -12.09
N ARG A 106 19.58 13.00 -13.38
CA ARG A 106 20.48 12.41 -14.37
C ARG A 106 20.40 10.87 -14.32
N ALA A 107 19.21 10.33 -14.56
CA ALA A 107 18.98 8.90 -14.46
C ALA A 107 19.65 8.17 -15.61
N ASP A 108 20.04 6.92 -15.37
CA ASP A 108 20.44 6.05 -16.49
C ASP A 108 19.41 6.16 -17.59
N GLU A 109 18.14 6.17 -17.22
CA GLU A 109 17.10 6.05 -18.22
C GLU A 109 15.83 6.71 -17.74
N THR A 110 15.11 7.32 -18.68
CA THR A 110 13.84 8.02 -18.38
C THR A 110 12.72 7.54 -19.29
N LEU A 111 11.60 7.13 -18.70
CA LEU A 111 10.41 6.84 -19.51
C LEU A 111 9.36 7.86 -19.15
N THR A 112 8.68 8.38 -20.17
CA THR A 112 7.55 9.28 -19.99
C THR A 112 6.30 8.48 -20.29
N VAL A 113 5.43 8.38 -19.28
CA VAL A 113 4.20 7.63 -19.38
C VAL A 113 3.03 8.51 -18.91
N ASP A 114 2.06 8.72 -19.81
CA ASP A 114 0.85 9.51 -19.53
C ASP A 114 -0.14 8.69 -18.75
N VAL A 115 -0.47 9.16 -17.55
CA VAL A 115 -1.42 8.44 -16.68
C VAL A 115 -2.85 8.99 -16.81
N LYS A 116 -3.03 10.05 -17.59
CA LYS A 116 -4.38 10.63 -17.75
C LYS A 116 -5.39 9.64 -18.37
N PRO A 117 -5.00 8.92 -19.44
CA PRO A 117 -5.99 7.97 -19.99
C PRO A 117 -6.46 6.92 -18.99
N ALA A 118 -5.55 6.43 -18.17
CA ALA A 118 -5.89 5.38 -17.25
C ALA A 118 -6.71 5.98 -16.11
N ALA A 119 -6.22 7.08 -15.57
CA ALA A 119 -6.92 7.78 -14.49
C ALA A 119 -8.35 8.11 -14.91
N ASP A 120 -8.51 8.72 -16.07
CA ASP A 120 -9.83 9.15 -16.53
C ASP A 120 -10.79 8.00 -16.76
N ALA A 121 -10.24 6.89 -17.27
CA ALA A 121 -10.99 5.66 -17.48
C ALA A 121 -11.47 5.04 -16.18
N MET A 122 -10.65 5.14 -15.12
CA MET A 122 -11.04 4.59 -13.83
C MET A 122 -12.15 5.43 -13.22
N LEU A 123 -11.98 6.76 -13.25
CA LEU A 123 -13.01 7.67 -12.76
C LEU A 123 -14.38 7.44 -13.46
N ALA A 124 -14.36 7.32 -14.79
CA ALA A 124 -15.60 7.10 -15.58
C ALA A 124 -16.27 5.79 -15.25
N ALA A 125 -15.45 4.74 -15.16
CA ALA A 125 -15.99 3.42 -14.81
C ALA A 125 -16.52 3.41 -13.40
N LEU A 126 -15.91 4.19 -12.51
CA LEU A 126 -16.44 4.30 -11.14
C LEU A 126 -17.80 4.98 -11.15
N ALA A 127 -17.93 6.02 -11.96
CA ALA A 127 -19.21 6.73 -12.13
C ALA A 127 -20.24 5.83 -12.78
N ALA A 128 -19.82 5.06 -13.78
CA ALA A 128 -20.70 4.09 -14.42
C ALA A 128 -21.21 3.08 -13.41
N GLY A 129 -20.42 2.82 -12.38
CA GLY A 129 -20.71 1.78 -11.41
C GLY A 129 -21.47 2.30 -10.23
N GLY A 130 -21.66 3.62 -10.18
CA GLY A 130 -22.46 4.24 -9.13
C GLY A 130 -21.78 5.25 -8.20
N LEU A 131 -20.46 5.45 -8.34
CA LEU A 131 -19.82 6.56 -7.64
C LEU A 131 -19.89 7.80 -8.55
N ALA A 132 -21.03 8.47 -8.49
CA ALA A 132 -21.46 9.37 -9.55
C ALA A 132 -22.11 10.59 -8.94
N TYR A 133 -22.53 11.52 -9.79
CA TYR A 133 -23.05 12.83 -9.35
C TYR A 133 -22.10 13.48 -8.35
N LEU A 134 -20.81 13.46 -8.68
CA LEU A 134 -19.78 14.09 -7.86
C LEU A 134 -19.73 15.57 -8.18
N ASP A 135 -19.70 16.41 -7.14
CA ASP A 135 -19.55 17.83 -7.40
C ASP A 135 -18.07 18.10 -7.73
N HIS A 136 -17.74 19.34 -8.07
CA HIS A 136 -16.40 19.63 -8.60
C HIS A 136 -15.29 19.25 -7.62
N ALA A 137 -15.55 19.37 -6.33
CA ALA A 137 -14.54 19.14 -5.34
C ALA A 137 -14.47 17.66 -5.00
N GLN A 138 -15.64 17.00 -4.91
CA GLN A 138 -15.67 15.55 -4.66
C GLN A 138 -14.93 14.78 -5.79
N GLN A 139 -15.11 15.23 -7.03
CA GLN A 139 -14.48 14.62 -8.21
C GLN A 139 -12.95 14.89 -8.18
N ASP A 140 -12.57 16.11 -7.89
CA ASP A 140 -11.20 16.49 -7.65
C ASP A 140 -10.51 15.55 -6.65
N PHE A 141 -11.15 15.35 -5.53
CA PHE A 141 -10.57 14.57 -4.47
C PHE A 141 -10.48 13.12 -4.85
N VAL A 142 -11.49 12.61 -5.54
CA VAL A 142 -11.46 11.27 -6.03
C VAL A 142 -10.41 11.13 -7.09
N LEU A 143 -10.33 12.07 -7.99
CA LEU A 143 -9.40 11.99 -9.07
C LEU A 143 -7.99 12.03 -8.57
N GLY A 144 -7.77 12.75 -7.49
CA GLY A 144 -6.49 12.88 -6.87
C GLY A 144 -5.88 11.60 -6.39
N ASN A 145 -6.63 10.81 -5.66
CA ASN A 145 -6.11 9.54 -5.26
C ASN A 145 -5.84 8.63 -6.41
N ILE A 146 -6.75 8.62 -7.37
CA ILE A 146 -6.61 7.71 -8.52
C ILE A 146 -5.31 7.94 -9.27
N LYS A 147 -5.01 9.21 -9.53
CA LYS A 147 -3.80 9.62 -10.21
C LYS A 147 -2.53 9.19 -9.48
N ALA A 148 -2.47 9.45 -8.17
CA ALA A 148 -1.34 8.99 -7.36
C ALA A 148 -1.17 7.45 -7.45
N ARG A 149 -2.27 6.72 -7.49
CA ARG A 149 -2.14 5.26 -7.49
C ARG A 149 -1.88 4.72 -8.90
N GLU A 150 -2.37 5.41 -9.92
CA GLU A 150 -2.04 5.05 -11.29
C GLU A 150 -0.57 5.27 -11.50
N ARG A 151 -0.01 6.33 -10.91
CA ARG A 151 1.44 6.56 -11.03
C ARG A 151 2.23 5.40 -10.41
N MET A 152 1.77 4.91 -9.28
CA MET A 152 2.41 3.76 -8.65
C MET A 152 2.34 2.50 -9.50
N ILE A 153 1.22 2.31 -10.17
CA ILE A 153 1.04 1.21 -11.14
C ILE A 153 2.09 1.28 -12.26
N ALA A 154 2.29 2.47 -12.81
CA ALA A 154 3.27 2.61 -13.89
C ALA A 154 4.65 2.15 -13.42
N GLN A 155 5.05 2.57 -12.22
CA GLN A 155 6.38 2.23 -11.70
C GLN A 155 6.51 0.71 -11.43
N TYR A 156 5.50 0.12 -10.81
CA TYR A 156 5.47 -1.33 -10.63
C TYR A 156 5.54 -2.15 -11.92
N ALA A 157 4.87 -1.68 -12.98
CA ALA A 157 4.94 -2.38 -14.26
C ALA A 157 6.34 -2.40 -14.82
N VAL A 158 7.01 -1.27 -14.78
CA VAL A 158 8.35 -1.22 -15.26
C VAL A 158 9.23 -2.06 -14.39
N ALA A 159 8.97 -2.05 -13.10
CA ALA A 159 9.81 -2.74 -12.19
C ALA A 159 9.61 -4.21 -12.42
N GLY A 160 8.37 -4.61 -12.64
CA GLY A 160 8.06 -5.96 -12.97
C GLY A 160 8.81 -6.38 -14.20
N ALA A 161 8.64 -5.63 -15.26
CA ALA A 161 9.29 -5.90 -16.50
C ALA A 161 10.79 -6.06 -16.43
N ARG A 162 11.42 -5.40 -15.50
CA ARG A 162 12.87 -5.36 -15.46
C ARG A 162 13.52 -6.07 -14.27
N ASN A 163 12.79 -6.90 -13.56
CA ASN A 163 13.32 -7.56 -12.37
C ASN A 163 13.94 -6.52 -11.43
N GLY A 164 13.25 -5.40 -11.23
CA GLY A 164 13.69 -4.36 -10.31
C GLY A 164 12.69 -4.10 -9.19
N VAL A 165 12.93 -3.02 -8.45
CA VAL A 165 12.04 -2.64 -7.35
C VAL A 165 11.69 -1.15 -7.47
N VAL A 166 10.59 -0.74 -6.87
CA VAL A 166 10.13 0.65 -6.91
C VAL A 166 10.75 1.39 -5.73
N ILE A 167 11.48 2.44 -5.97
CA ILE A 167 11.95 3.32 -4.92
C ILE A 167 10.79 4.15 -4.40
N GLY A 168 10.65 4.24 -3.10
CA GLY A 168 9.62 5.06 -2.51
C GLY A 168 10.15 6.30 -1.85
N THR A 169 9.32 7.32 -1.70
CA THR A 169 9.69 8.60 -1.11
C THR A 169 9.28 8.77 0.34
N ASP A 170 8.65 7.78 0.94
CA ASP A 170 8.20 7.87 2.30
C ASP A 170 9.26 8.36 3.28
N HIS A 171 8.86 9.18 4.23
CA HIS A 171 9.72 9.62 5.31
C HIS A 171 8.90 9.82 6.56
N ALA A 172 9.56 10.06 7.67
CA ALA A 172 8.86 10.23 8.92
C ALA A 172 7.89 11.39 8.97
N ALA A 173 8.26 12.54 8.43
CA ALA A 173 7.33 13.64 8.37
C ALA A 173 6.11 13.34 7.52
N GLU A 174 6.33 12.64 6.43
CA GLU A 174 5.26 12.17 5.62
C GLU A 174 4.35 11.22 6.35
N SER A 175 4.90 10.32 7.15
CA SER A 175 4.09 9.43 7.97
C SER A 175 3.17 10.17 8.88
N VAL A 176 3.67 11.20 9.53
CA VAL A 176 2.87 12.01 10.44
C VAL A 176 1.78 12.76 9.68
N MET A 177 2.13 13.25 8.50
CA MET A 177 1.15 13.92 7.64
C MET A 177 0.01 12.94 7.35
N GLY A 178 0.39 11.71 7.07
CA GLY A 178 -0.57 10.64 6.81
C GLY A 178 -1.56 10.39 7.94
N PHE A 179 -1.19 10.72 9.18
CA PHE A 179 -2.12 10.57 10.31
C PHE A 179 -3.26 11.53 10.07
N PHE A 180 -2.95 12.66 9.48
CA PHE A 180 -3.92 13.68 9.23
C PHE A 180 -4.71 13.45 7.98
N THR A 181 -4.04 13.11 6.89
CA THR A 181 -4.66 13.04 5.59
C THR A 181 -5.30 11.72 5.31
N LYS A 182 -4.59 10.66 5.66
CA LYS A 182 -4.92 9.30 5.34
C LYS A 182 -4.68 8.99 3.87
N PHE A 183 -3.79 9.70 3.19
CA PHE A 183 -3.50 9.47 1.80
C PHE A 183 -2.69 8.21 1.63
N GLY A 184 -3.15 7.23 0.86
CA GLY A 184 -2.28 6.15 0.49
C GLY A 184 -1.98 6.14 -0.99
N ASP A 185 -0.85 5.59 -1.36
CA ASP A 185 -0.58 5.23 -2.73
C ASP A 185 -0.15 3.80 -2.91
N GLY A 186 -0.17 3.04 -1.85
CA GLY A 186 0.12 1.64 -2.00
C GLY A 186 1.50 1.23 -1.56
N GLY A 187 2.45 2.14 -1.61
CA GLY A 187 3.74 1.92 -1.04
C GLY A 187 4.73 1.50 -2.07
N ALA A 188 6.00 1.53 -1.71
CA ALA A 188 7.04 1.11 -2.59
C ALA A 188 7.83 -0.01 -1.94
N ASP A 189 8.95 -0.36 -2.53
CA ASP A 189 9.71 -1.49 -2.07
C ASP A 189 10.85 -1.02 -1.14
N VAL A 190 11.62 -0.04 -1.58
CA VAL A 190 12.81 0.44 -0.87
C VAL A 190 12.66 1.94 -0.56
N LEU A 191 12.83 2.30 0.70
CA LEU A 191 12.59 3.66 1.18
C LEU A 191 13.86 4.35 1.65
N PRO A 192 14.62 4.94 0.72
CA PRO A 192 15.88 5.53 1.08
C PRO A 192 15.78 6.82 1.94
N LEU A 193 14.59 7.38 2.07
CA LEU A 193 14.41 8.63 2.80
C LEU A 193 13.84 8.36 4.18
N ALA A 194 13.64 7.07 4.49
CA ALA A 194 13.03 6.70 5.78
C ALA A 194 13.73 7.35 6.98
N GLY A 195 12.93 7.72 7.97
CA GLY A 195 13.45 8.36 9.17
C GLY A 195 13.63 9.86 9.04
N LEU A 196 13.59 10.39 7.82
CA LEU A 196 13.87 11.80 7.59
C LEU A 196 12.66 12.67 7.81
N THR A 197 12.89 13.92 8.20
CA THR A 197 11.85 14.92 8.29
C THR A 197 11.91 15.72 7.01
N LYS A 198 10.95 16.62 6.82
CA LYS A 198 10.89 17.39 5.57
C LYS A 198 12.12 18.28 5.35
N ARG A 199 12.50 19.05 6.36
CA ARG A 199 13.70 19.89 6.25
C ARG A 199 14.99 19.08 6.10
N ARG A 200 15.01 17.87 6.65
CA ARG A 200 16.19 16.99 6.51
C ARG A 200 16.33 16.46 5.10
N VAL A 201 15.20 16.17 4.45
CA VAL A 201 15.23 15.81 3.03
C VAL A 201 15.80 16.98 2.20
N ARG A 202 15.30 18.19 2.44
CA ARG A 202 15.84 19.37 1.77
C ARG A 202 17.36 19.52 2.00
N ALA A 203 17.80 19.34 3.24
CA ALA A 203 19.24 19.42 3.55
C ALA A 203 20.02 18.32 2.82
N LEU A 204 19.49 17.10 2.83
CA LEU A 204 20.12 16.03 2.05
C LEU A 204 20.28 16.43 0.58
N ALA A 205 19.19 16.91 -0.02
CA ALA A 205 19.22 17.36 -1.41
C ALA A 205 20.28 18.42 -1.68
N ARG A 206 20.40 19.43 -0.81
CA ARG A 206 21.45 20.44 -1.00
C ARG A 206 22.84 19.84 -0.93
N MET A 207 23.04 18.93 0.00
CA MET A 207 24.29 18.18 0.06
C MET A 207 24.53 17.46 -1.28
N LEU A 208 23.48 16.88 -1.86
CA LEU A 208 23.62 16.21 -3.17
C LEU A 208 23.78 17.17 -4.33
N GLY A 209 23.71 18.47 -4.06
CA GLY A 209 23.97 19.45 -5.11
C GLY A 209 22.74 20.15 -5.65
N ALA A 210 21.57 19.88 -5.07
CA ALA A 210 20.38 20.58 -5.53
C ALA A 210 20.52 22.08 -5.26
N ASP A 211 20.05 22.88 -6.23
CA ASP A 211 19.97 24.32 -6.10
C ASP A 211 18.62 24.70 -5.52
N GLU A 212 18.57 25.89 -4.97
CA GLU A 212 17.45 26.34 -4.20
C GLU A 212 16.15 26.38 -4.98
N PRO A 213 16.21 26.75 -6.23
CA PRO A 213 15.04 26.74 -7.06
C PRO A 213 14.46 25.37 -7.18
N LEU A 214 15.29 24.36 -7.27
CA LEU A 214 14.84 23.01 -7.31
C LEU A 214 14.24 22.59 -5.99
N VAL A 215 14.87 22.96 -4.91
CA VAL A 215 14.36 22.70 -3.59
C VAL A 215 12.94 23.23 -3.39
N LEU A 216 12.61 24.31 -4.02
CA LEU A 216 11.37 25.01 -3.77
C LEU A 216 10.15 24.55 -4.56
N LYS A 217 10.36 23.72 -5.56
CA LYS A 217 9.32 23.32 -6.46
C LYS A 217 8.27 22.45 -5.83
N THR A 218 7.02 22.79 -6.05
CA THR A 218 5.92 22.00 -5.50
C THR A 218 4.91 21.69 -6.60
N PRO A 219 5.10 20.57 -7.31
CA PRO A 219 4.12 20.19 -8.34
C PRO A 219 2.77 19.82 -7.74
N THR A 220 1.72 20.01 -8.52
CA THR A 220 0.35 19.69 -8.14
C THR A 220 0.24 18.23 -7.69
N ALA A 221 0.98 17.34 -8.35
CA ALA A 221 0.99 15.92 -7.96
C ALA A 221 1.48 15.71 -6.50
N ASP A 222 2.36 16.58 -6.00
CA ASP A 222 2.80 16.46 -4.61
C ASP A 222 1.79 17.17 -3.70
N LEU A 223 1.24 18.28 -4.18
CA LEU A 223 0.33 19.09 -3.38
C LEU A 223 -0.95 18.34 -3.10
N GLU A 224 -1.46 17.63 -4.10
CA GLU A 224 -2.68 16.83 -3.93
C GLU A 224 -2.53 15.78 -2.82
N THR A 225 -1.31 15.33 -2.53
CA THR A 225 -1.15 14.25 -1.55
C THR A 225 -1.27 14.76 -0.11
N LEU A 226 -1.29 16.10 0.04
CA LEU A 226 -1.41 16.68 1.35
C LEU A 226 -2.86 17.01 1.72
N ARG A 227 -3.80 16.57 0.89
CA ARG A 227 -5.22 16.84 1.19
C ARG A 227 -5.87 15.62 1.84
N PRO A 228 -6.97 15.86 2.58
CA PRO A 228 -7.74 14.76 3.18
C PRO A 228 -8.42 13.94 2.10
N GLN A 229 -8.94 12.79 2.47
CA GLN A 229 -9.60 11.91 1.52
C GLN A 229 -10.75 12.52 0.73
N ARG A 230 -11.54 13.34 1.39
CA ARG A 230 -12.64 14.01 0.74
C ARG A 230 -12.76 15.40 1.30
N PRO A 231 -13.42 16.28 0.57
CA PRO A 231 -13.51 17.67 0.97
C PRO A 231 -14.55 17.86 2.04
N HIS A 234 -14.36 20.74 9.35
CA HIS A 234 -13.29 21.09 8.42
C HIS A 234 -11.94 20.70 8.99
N ALA A 235 -11.04 20.34 8.09
CA ALA A 235 -9.80 19.66 8.42
C ALA A 235 -8.78 20.51 9.10
N TYR A 236 -8.21 19.99 10.17
CA TYR A 236 -7.19 20.73 10.86
C TYR A 236 -5.97 20.85 9.95
N GLY A 237 -5.54 22.07 9.67
CA GLY A 237 -4.45 22.28 8.76
C GLY A 237 -3.07 22.23 9.34
N ILE A 238 -2.43 21.09 9.28
CA ILE A 238 -1.06 20.97 9.73
C ILE A 238 -0.11 21.21 8.58
N THR A 239 1.03 21.81 8.86
CA THR A 239 2.05 22.04 7.87
C THR A 239 3.23 21.17 8.17
N TYR A 240 4.07 20.96 7.19
CA TYR A 240 5.22 20.11 7.35
C TYR A 240 6.19 20.76 8.28
N GLU A 241 6.17 22.07 8.35
CA GLU A 241 7.05 22.79 9.21
C GLU A 241 6.69 22.57 10.68
N GLN A 242 5.41 22.51 10.98
CA GLN A 242 4.97 22.13 12.31
C GLN A 242 5.27 20.69 12.63
N ILE A 243 5.14 19.79 11.67
CA ILE A 243 5.48 18.39 11.86
C ILE A 243 6.96 18.18 12.12
N ASP A 244 7.79 18.95 11.41
CA ASP A 244 9.23 18.82 11.51
C ASP A 244 9.67 19.28 12.89
N ASP A 245 9.10 20.40 13.35
CA ASP A 245 9.43 21.00 14.64
C ASP A 245 9.06 19.98 15.72
N PHE A 246 7.90 19.38 15.54
CA PHE A 246 7.40 18.36 16.43
C PHE A 246 8.36 17.18 16.62
N LEU A 247 8.74 16.57 15.50
CA LEU A 247 9.56 15.37 15.47
C LEU A 247 11.01 15.62 15.84
N GLU A 248 11.46 16.85 15.59
CA GLU A 248 12.84 17.21 15.85
C GLU A 248 12.99 17.74 17.28
N GLY A 249 11.86 17.92 17.96
CA GLY A 249 11.88 18.36 19.36
C GLY A 249 12.26 19.82 19.53
N LYS A 250 11.92 20.65 18.55
CA LYS A 250 12.26 22.06 18.57
C LYS A 250 11.22 22.92 19.28
N PRO A 251 11.63 24.05 19.85
CA PRO A 251 10.59 24.84 20.51
C PRO A 251 9.51 25.20 19.51
N MET A 252 8.26 25.13 19.95
CA MET A 252 7.11 25.27 19.07
C MET A 252 5.84 25.44 19.89
N ASP A 253 4.71 25.55 19.22
CA ASP A 253 3.42 25.79 19.86
C ASP A 253 2.84 24.56 20.54
N ASP A 254 2.41 24.75 21.78
CA ASP A 254 1.92 23.65 22.61
C ASP A 254 0.62 23.07 22.12
N ALA A 255 -0.29 23.95 21.71
CA ALA A 255 -1.56 23.51 21.18
C ALA A 255 -1.31 22.67 19.97
N VAL A 256 -0.51 23.20 19.06
CA VAL A 256 -0.14 22.47 17.85
C VAL A 256 0.38 21.09 18.19
N ALA A 257 1.32 21.02 19.13
CA ALA A 257 1.97 19.75 19.45
C ALA A 257 0.97 18.79 20.08
N GLU A 258 -0.01 19.35 20.78
CA GLU A 258 -1.03 18.52 21.41
C GLU A 258 -1.94 17.90 20.33
N THR A 259 -2.27 18.70 19.33
CA THR A 259 -3.04 18.16 18.21
C THR A 259 -2.33 16.95 17.61
N VAL A 260 -1.02 17.09 17.36
CA VAL A 260 -0.28 16.05 16.65
C VAL A 260 -0.29 14.76 17.46
N LEU A 261 -0.31 14.92 18.79
CA LEU A 261 -0.33 13.78 19.67
C LEU A 261 -1.66 13.05 19.56
N ARG A 262 -2.73 13.83 19.54
CA ARG A 262 -4.04 13.26 19.41
C ARG A 262 -4.07 12.38 18.19
N PHE A 263 -3.67 12.96 17.06
CA PHE A 263 -3.72 12.25 15.79
C PHE A 263 -2.86 10.99 15.76
N TYR A 264 -1.68 11.05 16.34
CA TYR A 264 -0.80 9.88 16.40
C TYR A 264 -1.44 8.83 17.31
N ASP A 265 -2.14 9.28 18.34
CA ASP A 265 -2.78 8.38 19.27
C ASP A 265 -3.86 7.56 18.58
N ALA A 266 -4.75 8.25 17.90
CA ALA A 266 -5.85 7.63 17.18
C ALA A 266 -5.40 6.62 16.17
N THR A 267 -4.15 6.71 15.78
CA THR A 267 -3.61 5.86 14.79
C THR A 267 -2.97 4.70 15.51
N ARG A 268 -2.46 4.97 16.69
CA ARG A 268 -1.67 3.96 17.39
C ARG A 268 -2.59 2.84 17.77
N HIS A 269 -3.83 3.19 18.00
CA HIS A 269 -4.79 2.23 18.38
C HIS A 269 -5.13 1.34 17.23
N LYS A 270 -5.72 1.89 16.17
CA LYS A 270 -6.19 1.06 15.11
C LYS A 270 -5.20 0.02 14.68
N ARG A 271 -3.93 0.34 14.80
CA ARG A 271 -2.91 -0.63 14.56
C ARG A 271 -2.83 -1.72 15.65
N ALA A 272 -3.24 -1.40 16.86
CA ALA A 272 -3.29 -2.36 17.96
C ALA A 272 -4.26 -3.51 17.64
N LEU A 273 -5.50 -3.15 17.31
CA LEU A 273 -6.44 -4.07 16.71
C LEU A 273 -5.78 -4.57 15.44
N PRO A 274 -5.68 -5.88 15.26
CA PRO A 274 -6.31 -6.85 16.15
C PRO A 274 -6.21 -6.48 17.61
N ASP B 6 16.43 -31.05 13.25
CA ASP B 6 16.23 -29.97 14.21
C ASP B 6 15.71 -28.71 13.52
N GLN B 7 15.25 -28.87 12.28
CA GLN B 7 14.72 -27.74 11.52
C GLN B 7 13.32 -27.36 11.98
N ALA B 8 12.61 -28.33 12.55
CA ALA B 8 11.25 -28.10 13.03
C ALA B 8 11.17 -26.79 13.83
N ALA B 9 12.32 -26.19 14.09
CA ALA B 9 12.38 -24.94 14.83
C ALA B 9 11.72 -23.81 14.06
N ARG B 10 12.07 -23.69 12.78
CA ARG B 10 11.51 -22.65 11.93
C ARG B 10 10.01 -22.82 11.75
N ARG B 11 9.61 -23.97 11.23
CA ARG B 11 8.20 -24.27 11.00
C ARG B 11 7.33 -23.65 12.08
N ARG B 12 7.59 -24.02 13.34
CA ARG B 12 6.82 -23.50 14.46
C ARG B 12 7.03 -22.00 14.62
N ALA B 13 8.21 -21.53 14.24
CA ALA B 13 8.53 -20.11 14.35
C ALA B 13 7.75 -19.28 13.33
N ILE B 14 7.49 -19.88 12.18
CA ILE B 14 6.75 -19.20 11.11
C ILE B 14 5.26 -19.15 11.42
N ALA B 15 4.73 -20.27 11.92
CA ALA B 15 3.32 -20.36 12.25
C ALA B 15 2.94 -19.31 13.29
N ALA B 16 3.79 -19.15 14.30
CA ALA B 16 3.56 -18.17 15.35
C ALA B 16 3.64 -16.75 14.81
N GLU B 17 4.68 -16.49 14.03
CA GLU B 17 4.87 -15.17 13.43
C GLU B 17 3.71 -14.83 12.49
N LEU B 18 3.15 -15.85 11.85
CA LEU B 18 2.02 -15.66 10.94
C LEU B 18 0.69 -15.81 11.69
N HIS B 19 0.78 -16.21 12.96
CA HIS B 19 -0.37 -16.21 13.86
C HIS B 19 -1.30 -17.40 13.77
N VAL B 20 -0.80 -18.54 13.32
CA VAL B 20 -1.63 -19.73 13.19
C VAL B 20 -1.73 -20.52 14.52
N SER B 21 -2.93 -20.55 15.10
CA SER B 21 -3.22 -21.36 16.29
C SER B 21 -3.33 -22.86 15.97
N PRO B 22 -2.81 -23.69 16.87
CA PRO B 22 -2.76 -25.12 16.59
C PRO B 22 -4.13 -25.80 16.66
N THR B 23 -5.09 -25.15 17.31
CA THR B 23 -6.49 -25.59 17.24
C THR B 23 -7.38 -24.55 16.56
N PHE B 24 -8.60 -24.96 16.22
CA PHE B 24 -9.52 -24.13 15.46
C PHE B 24 -10.98 -24.54 15.71
N ASP B 25 -11.81 -23.59 16.10
CA ASP B 25 -13.26 -23.77 16.11
C ASP B 25 -13.90 -22.65 15.29
N ALA B 26 -14.66 -23.04 14.27
CA ALA B 26 -15.20 -22.09 13.31
C ALA B 26 -16.10 -21.07 13.99
N ARG B 27 -17.11 -21.55 14.73
CA ARG B 27 -18.01 -20.66 15.47
C ARG B 27 -17.22 -19.62 16.25
N ASP B 28 -16.18 -20.11 16.94
CA ASP B 28 -15.39 -19.25 17.81
C ASP B 28 -14.69 -18.19 16.95
N GLU B 29 -14.12 -18.63 15.83
CA GLU B 29 -13.39 -17.73 14.96
C GLU B 29 -14.31 -16.69 14.30
N ALA B 30 -15.43 -17.14 13.79
CA ALA B 30 -16.38 -16.24 13.19
C ALA B 30 -16.74 -15.13 14.12
N GLU B 31 -17.04 -15.49 15.35
CA GLU B 31 -17.43 -14.55 16.33
C GLU B 31 -16.36 -13.55 16.58
N ARG B 32 -15.15 -14.04 16.75
CA ARG B 32 -13.98 -13.23 16.97
C ARG B 32 -13.70 -12.28 15.83
N ARG B 33 -13.80 -12.75 14.61
CA ARG B 33 -13.50 -11.92 13.47
C ARG B 33 -14.58 -10.92 13.10
N ILE B 34 -15.82 -11.24 13.33
CA ILE B 34 -16.92 -10.29 13.18
C ILE B 34 -16.71 -9.12 14.16
N GLY B 35 -16.26 -9.43 15.35
CA GLY B 35 -15.99 -8.42 16.33
C GLY B 35 -14.79 -7.59 16.00
N PHE B 36 -13.75 -8.20 15.51
CA PHE B 36 -12.62 -7.42 15.07
C PHE B 36 -13.09 -6.31 14.14
N VAL B 37 -13.70 -6.68 13.05
CA VAL B 37 -14.20 -5.73 12.09
C VAL B 37 -15.09 -4.68 12.71
N ALA B 38 -16.02 -5.09 13.54
CA ALA B 38 -16.88 -4.14 14.19
C ALA B 38 -16.13 -3.10 15.04
N ASP B 39 -15.33 -3.57 15.99
CA ASP B 39 -14.50 -2.68 16.78
C ASP B 39 -13.70 -1.73 15.91
N TYR B 40 -13.04 -2.25 14.89
CA TYR B 40 -12.24 -1.44 14.02
C TYR B 40 -12.92 -0.24 13.42
N LEU B 41 -14.05 -0.45 12.81
CA LEU B 41 -14.76 0.63 12.18
C LEU B 41 -15.26 1.64 13.21
N ARG B 42 -15.62 1.15 14.39
CA ARG B 42 -16.15 1.98 15.45
C ARG B 42 -15.08 2.82 16.05
N THR B 43 -13.99 2.17 16.39
CA THR B 43 -12.89 2.85 17.05
C THR B 43 -12.30 3.95 16.18
N ALA B 44 -12.45 3.82 14.88
CA ALA B 44 -11.78 4.73 13.97
C ALA B 44 -12.77 5.74 13.42
N GLY B 45 -14.01 5.67 13.89
CA GLY B 45 -15.05 6.57 13.40
C GLY B 45 -15.38 6.41 11.92
N LEU B 46 -15.29 5.18 11.41
CA LEU B 46 -15.55 4.89 10.00
C LEU B 46 -17.03 4.57 9.77
N ARG B 47 -17.49 4.78 8.55
CA ARG B 47 -18.89 4.58 8.20
C ARG B 47 -19.12 3.46 7.19
N ALA B 48 -18.06 2.93 6.60
CA ALA B 48 -18.26 1.89 5.61
C ALA B 48 -17.02 1.07 5.44
N CYS B 49 -17.16 -0.13 4.90
CA CYS B 49 -16.00 -0.90 4.48
C CYS B 49 -16.26 -1.45 3.09
N VAL B 50 -15.20 -1.87 2.40
CA VAL B 50 -15.25 -2.14 0.96
C VAL B 50 -14.42 -3.37 0.58
N LEU B 51 -15.02 -4.25 -0.22
CA LEU B 51 -14.32 -5.44 -0.71
C LEU B 51 -14.76 -5.84 -2.11
N GLY B 52 -13.79 -6.10 -2.97
CA GLY B 52 -14.04 -6.74 -4.26
C GLY B 52 -14.41 -8.20 -4.07
N ILE B 53 -15.55 -8.58 -4.65
CA ILE B 53 -16.06 -9.94 -4.56
C ILE B 53 -15.83 -10.65 -5.90
N SER B 54 -14.88 -11.58 -5.93
CA SER B 54 -14.44 -12.22 -7.17
C SER B 54 -15.10 -13.58 -7.44
N GLY B 55 -15.84 -14.11 -6.47
CA GLY B 55 -16.33 -15.47 -6.65
C GLY B 55 -15.40 -16.47 -5.97
N GLY B 56 -14.22 -16.02 -5.60
CA GLY B 56 -13.28 -16.88 -4.84
C GLY B 56 -13.65 -17.02 -3.37
N ILE B 57 -13.29 -18.15 -2.76
CA ILE B 57 -13.73 -18.41 -1.40
C ILE B 57 -13.19 -17.38 -0.40
N ASP B 58 -11.99 -16.87 -0.65
CA ASP B 58 -11.38 -15.94 0.31
C ASP B 58 -12.17 -14.65 0.42
N SER B 59 -12.50 -14.04 -0.72
CA SER B 59 -13.28 -12.79 -0.67
C SER B 59 -14.77 -13.04 -0.28
N SER B 60 -15.31 -14.22 -0.61
CA SER B 60 -16.64 -14.57 -0.12
C SER B 60 -16.66 -14.58 1.40
N THR B 61 -15.64 -15.21 1.96
CA THR B 61 -15.56 -15.32 3.41
C THR B 61 -15.33 -13.98 4.08
N ALA B 62 -14.31 -13.26 3.64
CA ALA B 62 -13.99 -11.94 4.22
C ALA B 62 -15.20 -11.05 4.15
N GLY B 63 -15.91 -11.10 3.03
CA GLY B 63 -17.05 -10.20 2.79
C GLY B 63 -18.27 -10.49 3.65
N ARG B 64 -18.53 -11.78 3.87
CA ARG B 64 -19.66 -12.17 4.71
C ARG B 64 -19.39 -11.77 6.18
N LEU B 65 -18.16 -11.98 6.64
CA LEU B 65 -17.76 -11.48 7.96
C LEU B 65 -18.00 -9.97 8.05
N ALA B 66 -17.62 -9.23 7.02
CA ALA B 66 -17.80 -7.76 7.03
C ALA B 66 -19.27 -7.32 7.01
N GLN B 67 -20.10 -7.99 6.21
CA GLN B 67 -21.53 -7.76 6.25
C GLN B 67 -22.06 -8.01 7.68
N LEU B 68 -21.70 -9.14 8.27
CA LEU B 68 -22.14 -9.45 9.62
C LEU B 68 -21.65 -8.46 10.64
N ALA B 69 -20.42 -7.96 10.45
CA ALA B 69 -19.88 -6.89 11.27
C ALA B 69 -20.69 -5.59 11.23
N VAL B 70 -21.07 -5.14 10.03
CA VAL B 70 -21.81 -3.87 9.92
C VAL B 70 -23.26 -4.04 10.43
N GLU B 71 -23.76 -5.26 10.37
CA GLU B 71 -25.07 -5.58 10.90
C GLU B 71 -25.03 -5.58 12.41
N ARG B 72 -23.94 -6.08 12.97
CA ARG B 72 -23.77 -6.07 14.43
C ARG B 72 -23.62 -4.64 14.94
N LEU B 73 -23.02 -3.76 14.14
CA LEU B 73 -22.85 -2.37 14.55
C LEU B 73 -24.19 -1.67 14.51
N ARG B 74 -24.95 -1.87 13.44
CA ARG B 74 -26.22 -1.17 13.30
C ARG B 74 -27.16 -1.58 14.42
N ALA B 75 -26.98 -2.80 14.93
CA ALA B 75 -27.82 -3.24 16.03
C ALA B 75 -27.39 -2.43 17.23
N SER B 76 -26.14 -1.96 17.21
CA SER B 76 -25.54 -1.20 18.31
C SER B 76 -26.04 0.24 18.33
N GLY B 77 -26.54 0.72 17.20
CA GLY B 77 -26.92 2.12 17.07
C GLY B 77 -25.84 2.89 16.34
N TYR B 78 -24.77 2.18 15.97
CA TYR B 78 -23.68 2.78 15.23
C TYR B 78 -23.93 2.54 13.74
N ASP B 79 -23.94 3.58 12.93
CA ASP B 79 -24.24 3.37 11.53
C ASP B 79 -23.00 3.02 10.71
N ALA B 80 -23.18 2.04 9.82
CA ALA B 80 -22.10 1.49 8.99
C ALA B 80 -22.72 0.62 7.90
N ARG B 81 -22.08 0.61 6.73
CA ARG B 81 -22.52 -0.16 5.57
C ARG B 81 -21.38 -0.96 4.97
N PHE B 82 -21.69 -2.07 4.33
CA PHE B 82 -20.67 -2.81 3.62
C PHE B 82 -20.97 -2.70 2.13
N VAL B 83 -19.97 -2.28 1.36
CA VAL B 83 -20.06 -2.13 -0.08
C VAL B 83 -19.26 -3.20 -0.81
N ALA B 84 -19.98 -4.14 -1.42
CA ALA B 84 -19.41 -5.20 -2.22
C ALA B 84 -19.19 -4.69 -3.63
N MET B 85 -18.06 -5.08 -4.23
CA MET B 85 -17.74 -4.62 -5.57
C MET B 85 -17.48 -5.80 -6.52
N ARG B 86 -18.20 -5.82 -7.64
CA ARG B 86 -17.83 -6.68 -8.76
C ARG B 86 -16.88 -5.88 -9.62
N LEU B 87 -15.79 -6.48 -10.01
CA LEU B 87 -14.73 -5.78 -10.67
C LEU B 87 -14.23 -6.51 -11.88
N PRO B 88 -15.11 -6.69 -12.84
CA PRO B 88 -14.71 -7.42 -14.01
C PRO B 88 -13.64 -6.76 -14.86
N TYR B 89 -12.93 -7.58 -15.62
CA TYR B 89 -12.13 -7.15 -16.74
C TYR B 89 -12.94 -7.41 -17.99
N GLY B 90 -13.74 -6.45 -18.37
CA GLY B 90 -14.59 -6.55 -19.53
C GLY B 90 -15.76 -7.50 -19.37
N ALA B 91 -16.35 -7.89 -20.49
CA ALA B 91 -17.41 -8.89 -20.49
C ALA B 91 -16.67 -10.17 -20.71
N GLN B 92 -16.57 -10.91 -19.63
CA GLN B 92 -15.67 -12.03 -19.52
C GLN B 92 -16.28 -13.30 -20.04
N GLU B 95 -18.99 -15.35 -15.20
CA GLU B 95 -19.50 -14.35 -14.25
C GLU B 95 -20.56 -14.83 -13.25
N ALA B 96 -20.91 -16.09 -13.30
CA ALA B 96 -21.93 -16.56 -12.41
C ALA B 96 -21.39 -16.96 -11.06
N ASP B 97 -20.09 -17.04 -10.95
CA ASP B 97 -19.44 -17.42 -9.72
C ASP B 97 -19.47 -16.27 -8.75
N ALA B 98 -19.44 -15.08 -9.27
CA ALA B 98 -19.40 -13.96 -8.40
C ALA B 98 -20.79 -13.66 -8.04
N ARG B 99 -21.72 -14.00 -8.89
CA ARG B 99 -23.08 -13.74 -8.57
C ARG B 99 -23.49 -14.69 -7.51
N ARG B 100 -22.89 -15.84 -7.52
CA ARG B 100 -23.18 -16.86 -6.55
C ARG B 100 -22.59 -16.44 -5.23
N ALA B 101 -21.42 -15.84 -5.28
CA ALA B 101 -20.79 -15.35 -4.10
C ALA B 101 -21.59 -14.22 -3.50
N LEU B 102 -22.08 -13.34 -4.36
CA LEU B 102 -22.90 -12.25 -3.96
C LEU B 102 -24.14 -12.68 -3.23
N ALA B 103 -24.80 -13.70 -3.76
CA ALA B 103 -26.02 -14.23 -3.16
C ALA B 103 -25.75 -14.81 -1.77
N PHE B 104 -24.50 -15.17 -1.51
CA PHE B 104 -24.10 -15.64 -0.19
C PHE B 104 -23.72 -14.49 0.76
N VAL B 105 -23.02 -13.50 0.23
CA VAL B 105 -22.54 -12.39 1.06
C VAL B 105 -23.69 -11.51 1.55
N ARG B 106 -24.68 -11.31 0.67
CA ARG B 106 -25.85 -10.48 0.97
C ARG B 106 -25.48 -9.07 1.47
N ALA B 107 -24.67 -8.38 0.70
CA ALA B 107 -24.11 -7.09 1.07
C ALA B 107 -25.17 -6.00 1.07
N ASP B 108 -24.95 -5.01 1.93
CA ASP B 108 -25.76 -3.79 1.94
C ASP B 108 -25.86 -3.22 0.55
N GLU B 109 -24.72 -3.20 -0.14
CA GLU B 109 -24.61 -2.59 -1.46
C GLU B 109 -23.68 -3.36 -2.34
N THR B 110 -23.94 -3.30 -3.65
CA THR B 110 -23.08 -3.91 -4.66
C THR B 110 -22.89 -2.94 -5.81
N LEU B 111 -21.64 -2.59 -6.08
CA LEU B 111 -21.31 -1.79 -7.26
C LEU B 111 -20.51 -2.67 -8.21
N THR B 112 -20.69 -2.44 -9.49
CA THR B 112 -19.93 -3.14 -10.50
C THR B 112 -19.06 -2.09 -11.19
N VAL B 113 -17.76 -2.34 -11.27
CA VAL B 113 -16.83 -1.44 -11.90
C VAL B 113 -15.90 -2.22 -12.85
N ASP B 114 -15.96 -1.86 -14.13
CA ASP B 114 -15.17 -2.49 -15.18
C ASP B 114 -13.77 -1.87 -15.20
N VAL B 115 -12.75 -2.71 -14.99
CA VAL B 115 -11.36 -2.24 -14.84
C VAL B 115 -10.53 -2.35 -16.11
N LYS B 116 -11.13 -2.90 -17.15
CA LYS B 116 -10.44 -3.13 -18.40
C LYS B 116 -10.04 -1.79 -19.04
N PRO B 117 -10.97 -0.83 -19.06
CA PRO B 117 -10.57 0.40 -19.76
C PRO B 117 -9.35 1.07 -19.10
N ALA B 118 -9.35 1.16 -17.77
CA ALA B 118 -8.21 1.74 -17.06
C ALA B 118 -6.96 0.90 -17.27
N ALA B 119 -7.10 -0.42 -17.14
CA ALA B 119 -5.97 -1.34 -17.29
C ALA B 119 -5.37 -1.29 -18.70
N ASP B 120 -6.25 -1.27 -19.72
CA ASP B 120 -5.76 -1.23 -21.12
C ASP B 120 -5.13 0.12 -21.44
N ALA B 121 -5.71 1.19 -20.87
CA ALA B 121 -5.14 2.54 -21.03
C ALA B 121 -3.77 2.70 -20.38
N MET B 122 -3.55 2.02 -19.26
CA MET B 122 -2.23 2.00 -18.62
C MET B 122 -1.22 1.21 -19.47
N LEU B 123 -1.60 0.00 -19.88
CA LEU B 123 -0.74 -0.80 -20.74
C LEU B 123 -0.37 -0.03 -21.97
N ALA B 124 -1.35 0.65 -22.56
CA ALA B 124 -1.11 1.37 -23.82
C ALA B 124 -0.15 2.52 -23.62
N ALA B 125 -0.23 3.16 -22.47
CA ALA B 125 0.56 4.37 -22.24
C ALA B 125 2.00 3.95 -21.97
N LEU B 126 2.14 2.78 -21.37
CA LEU B 126 3.45 2.22 -21.06
C LEU B 126 4.20 1.96 -22.36
N ALA B 127 3.51 1.27 -23.26
CA ALA B 127 4.03 0.97 -24.60
C ALA B 127 4.42 2.26 -25.29
N ALA B 128 3.49 3.20 -25.39
CA ALA B 128 3.75 4.47 -26.10
C ALA B 128 4.91 5.17 -25.47
N GLY B 129 5.15 4.86 -24.20
CA GLY B 129 6.27 5.44 -23.47
C GLY B 129 7.59 4.72 -23.67
N GLY B 130 7.56 3.60 -24.37
CA GLY B 130 8.79 2.89 -24.71
C GLY B 130 9.13 1.76 -23.75
N LEU B 131 8.17 1.32 -22.96
CA LEU B 131 8.38 0.10 -22.17
C LEU B 131 8.21 -1.10 -23.10
N ALA B 132 9.26 -1.90 -23.23
CA ALA B 132 9.28 -3.02 -24.15
C ALA B 132 9.54 -4.35 -23.46
N TYR B 133 8.91 -5.41 -23.97
CA TYR B 133 9.02 -6.74 -23.39
C TYR B 133 9.78 -7.65 -24.35
N LEU B 134 10.69 -8.49 -23.84
CA LEU B 134 11.33 -9.49 -24.70
C LEU B 134 10.34 -10.47 -25.30
N ASP B 135 9.35 -10.85 -24.51
CA ASP B 135 8.33 -11.78 -24.96
C ASP B 135 6.92 -11.25 -24.71
N HIS B 136 5.98 -11.73 -25.48
CA HIS B 136 4.58 -11.38 -25.30
C HIS B 136 4.02 -11.90 -23.99
N ALA B 137 4.46 -13.07 -23.58
CA ALA B 137 4.07 -13.66 -22.32
C ALA B 137 4.37 -12.74 -21.15
N GLN B 138 5.46 -12.05 -21.28
CA GLN B 138 5.86 -11.08 -20.34
C GLN B 138 4.91 -9.88 -20.27
N GLN B 139 4.39 -9.45 -21.40
CA GLN B 139 3.38 -8.44 -21.43
C GLN B 139 2.10 -8.88 -20.74
N ASP B 140 1.73 -10.13 -20.89
CA ASP B 140 0.57 -10.67 -20.21
C ASP B 140 0.74 -10.67 -18.72
N PHE B 141 1.94 -10.97 -18.26
CA PHE B 141 2.23 -10.98 -16.84
C PHE B 141 2.10 -9.54 -16.29
N VAL B 142 2.69 -8.61 -17.00
CA VAL B 142 2.61 -7.17 -16.65
C VAL B 142 1.15 -6.72 -16.61
N LEU B 143 0.38 -7.11 -17.61
CA LEU B 143 -1.04 -6.76 -17.61
C LEU B 143 -1.81 -7.42 -16.43
N GLY B 144 -1.51 -8.68 -16.13
CA GLY B 144 -2.17 -9.33 -14.97
C GLY B 144 -2.03 -8.55 -13.67
N ASN B 145 -0.87 -7.93 -13.50
CA ASN B 145 -0.59 -7.19 -12.29
C ASN B 145 -1.24 -5.83 -12.34
N ILE B 146 -1.26 -5.23 -13.53
CA ILE B 146 -1.99 -3.97 -13.71
C ILE B 146 -3.45 -4.18 -13.33
N LYS B 147 -4.04 -5.28 -13.82
CA LYS B 147 -5.44 -5.59 -13.53
C LYS B 147 -5.70 -5.71 -12.04
N ALA B 148 -4.81 -6.39 -11.34
CA ALA B 148 -4.99 -6.60 -9.91
C ALA B 148 -4.92 -5.26 -9.16
N ARG B 149 -4.01 -4.40 -9.57
CA ARG B 149 -3.86 -3.09 -8.99
C ARG B 149 -4.97 -2.09 -9.28
N GLU B 150 -5.53 -2.16 -10.48
CA GLU B 150 -6.65 -1.33 -10.88
C GLU B 150 -7.81 -1.70 -10.01
N ARG B 151 -7.92 -3.00 -9.71
CA ARG B 151 -8.99 -3.48 -8.86
C ARG B 151 -8.86 -2.90 -7.46
N MET B 152 -7.62 -2.66 -7.01
CA MET B 152 -7.40 -2.10 -5.67
C MET B 152 -7.75 -0.61 -5.68
N ILE B 153 -7.40 0.08 -6.75
CA ILE B 153 -7.73 1.50 -6.89
C ILE B 153 -9.24 1.75 -6.81
N ALA B 154 -10.03 0.93 -7.48
CA ALA B 154 -11.49 1.08 -7.48
C ALA B 154 -12.03 1.01 -6.06
N GLN B 155 -11.49 0.07 -5.29
CA GLN B 155 -11.87 -0.14 -3.89
C GLN B 155 -11.47 1.04 -2.99
N TYR B 156 -10.23 1.51 -3.14
CA TYR B 156 -9.82 2.71 -2.40
C TYR B 156 -10.64 3.93 -2.78
N ALA B 157 -10.95 4.07 -4.06
CA ALA B 157 -11.72 5.21 -4.54
C ALA B 157 -13.04 5.29 -3.80
N VAL B 158 -13.77 4.18 -3.76
CA VAL B 158 -15.01 4.09 -2.99
C VAL B 158 -14.82 4.22 -1.48
N ALA B 159 -13.80 3.58 -0.90
CA ALA B 159 -13.60 3.70 0.54
C ALA B 159 -13.36 5.18 0.92
N GLY B 160 -12.56 5.87 0.13
CA GLY B 160 -12.25 7.25 0.43
C GLY B 160 -13.43 8.19 0.23
N ALA B 161 -14.19 8.00 -0.83
CA ALA B 161 -15.33 8.88 -1.06
C ALA B 161 -16.34 8.66 0.03
N ARG B 162 -16.33 7.50 0.66
CA ARG B 162 -17.38 7.14 1.62
C ARG B 162 -16.97 7.16 3.09
N ASN B 163 -15.78 7.65 3.38
CA ASN B 163 -15.22 7.55 4.73
C ASN B 163 -15.21 6.12 5.24
N GLY B 164 -14.64 5.24 4.44
CA GLY B 164 -14.65 3.85 4.77
C GLY B 164 -13.26 3.33 4.59
N VAL B 165 -13.13 2.01 4.63
CA VAL B 165 -11.84 1.36 4.51
C VAL B 165 -11.95 0.13 3.64
N VAL B 166 -10.81 -0.34 3.15
CA VAL B 166 -10.79 -1.52 2.30
C VAL B 166 -10.44 -2.78 3.11
N ILE B 167 -11.24 -3.82 2.93
CA ILE B 167 -11.03 -5.11 3.53
C ILE B 167 -10.09 -5.86 2.68
N GLY B 168 -9.14 -6.52 3.28
CA GLY B 168 -8.21 -7.39 2.60
C GLY B 168 -8.48 -8.86 2.85
N THR B 169 -7.96 -9.72 2.03
CA THR B 169 -8.25 -11.12 2.17
C THR B 169 -7.07 -11.94 2.64
N ASP B 170 -6.02 -11.25 3.00
CA ASP B 170 -4.80 -11.84 3.50
C ASP B 170 -5.01 -12.88 4.55
N HIS B 171 -4.30 -13.98 4.42
CA HIS B 171 -4.19 -14.91 5.50
C HIS B 171 -2.87 -15.60 5.40
N ALA B 172 -2.61 -16.48 6.35
CA ALA B 172 -1.32 -17.11 6.48
C ALA B 172 -0.99 -18.07 5.37
N ALA B 173 -1.91 -18.91 5.00
CA ALA B 173 -1.67 -19.73 3.86
C ALA B 173 -1.35 -18.86 2.65
N GLU B 174 -2.13 -17.83 2.42
CA GLU B 174 -1.86 -16.88 1.37
C GLU B 174 -0.51 -16.19 1.43
N SER B 175 -0.13 -15.61 2.54
CA SER B 175 1.19 -15.03 2.64
C SER B 175 2.25 -15.98 2.17
N VAL B 176 2.20 -17.19 2.68
CA VAL B 176 3.18 -18.16 2.32
C VAL B 176 3.17 -18.44 0.85
N MET B 177 2.00 -18.62 0.27
CA MET B 177 1.94 -19.14 -1.08
C MET B 177 1.92 -18.11 -2.16
N GLY B 178 1.00 -17.18 -2.08
CA GLY B 178 0.94 -16.08 -3.04
C GLY B 178 2.31 -15.53 -3.39
N ALA B 188 -4.48 -4.20 1.75
CA ALA B 188 -5.61 -3.50 2.29
C ALA B 188 -5.42 -2.99 3.70
N ASP B 189 -6.47 -2.44 4.27
CA ASP B 189 -6.36 -1.82 5.56
C ASP B 189 -6.75 -2.83 6.66
N VAL B 190 -7.92 -3.46 6.52
CA VAL B 190 -8.49 -4.34 7.54
C VAL B 190 -8.54 -5.80 7.11
N LEU B 191 -7.92 -6.67 7.88
CA LEU B 191 -7.68 -8.04 7.51
C LEU B 191 -8.29 -9.10 8.43
N PRO B 192 -9.56 -9.43 8.22
CA PRO B 192 -10.29 -10.27 9.15
C PRO B 192 -9.98 -11.75 8.95
N LEU B 193 -9.15 -12.09 7.97
CA LEU B 193 -8.76 -13.48 7.71
C LEU B 193 -7.33 -13.77 8.20
N ALA B 194 -6.70 -12.78 8.80
CA ALA B 194 -5.36 -12.94 9.36
C ALA B 194 -5.24 -14.14 10.30
N GLY B 195 -4.23 -14.97 10.06
CA GLY B 195 -3.89 -16.06 10.98
C GLY B 195 -4.45 -17.37 10.49
N LEU B 196 -5.34 -17.30 9.52
CA LEU B 196 -6.01 -18.49 9.04
C LEU B 196 -5.24 -19.26 7.97
N THR B 197 -5.51 -20.54 7.91
CA THR B 197 -5.01 -21.33 6.83
C THR B 197 -6.10 -21.46 5.80
N LYS B 198 -5.78 -22.05 4.67
CA LYS B 198 -6.72 -22.20 3.61
C LYS B 198 -7.92 -23.08 3.93
N ARG B 199 -7.68 -24.24 4.50
CA ARG B 199 -8.78 -25.07 4.87
C ARG B 199 -9.57 -24.48 5.99
N ARG B 200 -8.96 -23.62 6.78
CA ARG B 200 -9.73 -22.98 7.79
C ARG B 200 -10.54 -21.85 7.28
N VAL B 201 -10.13 -21.24 6.17
CA VAL B 201 -10.98 -20.24 5.52
C VAL B 201 -12.20 -21.00 5.00
N ARG B 202 -11.96 -22.12 4.32
CA ARG B 202 -13.07 -22.89 3.75
C ARG B 202 -14.09 -23.32 4.80
N ALA B 203 -13.58 -23.74 5.96
CA ALA B 203 -14.42 -24.21 7.07
C ALA B 203 -15.19 -23.06 7.73
N LEU B 204 -14.62 -21.87 7.72
CA LEU B 204 -15.29 -20.73 8.31
C LEU B 204 -16.47 -20.35 7.43
N ALA B 205 -16.25 -20.41 6.12
CA ALA B 205 -17.32 -20.17 5.18
C ALA B 205 -18.44 -21.21 5.28
N ARG B 206 -18.05 -22.48 5.41
CA ARG B 206 -19.05 -23.55 5.49
C ARG B 206 -19.97 -23.28 6.65
N MET B 207 -19.40 -22.83 7.76
CA MET B 207 -20.17 -22.66 8.97
C MET B 207 -20.96 -21.36 8.94
N LEU B 208 -20.49 -20.36 8.23
CA LEU B 208 -21.27 -19.19 7.93
C LEU B 208 -22.40 -19.52 6.96
N GLY B 209 -22.36 -20.69 6.37
CA GLY B 209 -23.44 -21.17 5.54
C GLY B 209 -23.23 -21.17 4.05
N ALA B 210 -22.00 -21.19 3.61
CA ALA B 210 -21.73 -21.23 2.20
C ALA B 210 -21.89 -22.63 1.60
N ASP B 211 -22.33 -22.67 0.37
CA ASP B 211 -22.80 -23.90 -0.23
C ASP B 211 -21.81 -25.02 -0.44
N GLU B 212 -20.76 -24.76 -1.15
CA GLU B 212 -19.82 -25.80 -1.41
C GLU B 212 -19.18 -25.56 -2.75
N PRO B 213 -19.10 -24.29 -3.11
CA PRO B 213 -18.16 -23.81 -4.10
C PRO B 213 -17.31 -22.83 -3.31
N ALA B 235 3.16 -21.88 -8.16
CA ALA B 235 3.20 -22.78 -7.01
C ALA B 235 4.46 -23.66 -6.99
N TYR B 236 5.00 -23.98 -8.16
CA TYR B 236 6.13 -24.91 -8.25
C TYR B 236 5.77 -26.23 -7.61
N GLY B 237 4.51 -26.63 -7.74
CA GLY B 237 4.05 -27.92 -7.22
C GLY B 237 3.69 -27.87 -5.75
N ILE B 238 3.87 -26.72 -5.11
CA ILE B 238 3.44 -26.57 -3.71
C ILE B 238 1.92 -26.34 -3.66
N THR B 239 1.27 -27.05 -2.74
CA THR B 239 -0.18 -27.01 -2.63
C THR B 239 -0.64 -26.33 -1.35
N TYR B 240 -1.93 -26.05 -1.26
CA TYR B 240 -2.45 -25.44 -0.05
C TYR B 240 -2.53 -26.46 1.09
N GLU B 241 -2.83 -27.71 0.76
CA GLU B 241 -2.83 -28.77 1.76
C GLU B 241 -1.46 -28.84 2.44
N GLN B 242 -0.41 -28.75 1.63
CA GLN B 242 0.95 -28.88 2.15
C GLN B 242 1.31 -27.68 3.00
N ILE B 243 0.91 -26.51 2.55
CA ILE B 243 1.12 -25.30 3.33
C ILE B 243 0.27 -25.31 4.62
N ASP B 244 -0.95 -25.80 4.51
CA ASP B 244 -1.86 -25.81 5.67
C ASP B 244 -1.30 -26.74 6.72
N ASP B 245 -0.80 -27.90 6.28
CA ASP B 245 -0.17 -28.88 7.18
C ASP B 245 1.03 -28.24 7.87
N PHE B 246 1.94 -27.73 7.05
CA PHE B 246 3.10 -27.04 7.55
C PHE B 246 2.74 -26.04 8.65
N LEU B 247 1.80 -25.15 8.34
CA LEU B 247 1.50 -24.07 9.26
C LEU B 247 0.71 -24.55 10.45
N GLU B 248 0.06 -25.70 10.28
CA GLU B 248 -0.89 -26.19 11.29
C GLU B 248 -0.30 -27.13 12.35
N GLY B 249 0.97 -27.49 12.19
CA GLY B 249 1.57 -28.44 13.13
C GLY B 249 1.14 -29.87 12.84
N LYS B 250 0.17 -30.04 11.96
CA LYS B 250 -0.24 -31.38 11.61
C LYS B 250 1.03 -32.18 11.31
N PRO B 251 1.23 -33.30 12.03
CA PRO B 251 2.38 -34.15 11.75
C PRO B 251 2.25 -34.57 10.31
N MET B 252 3.28 -34.31 9.51
CA MET B 252 3.22 -34.56 8.08
C MET B 252 4.55 -35.18 7.69
N ASP B 253 4.67 -35.66 6.46
CA ASP B 253 5.91 -36.24 5.98
C ASP B 253 7.09 -35.28 6.18
N ASP B 254 8.28 -35.84 6.39
CA ASP B 254 9.48 -35.04 6.62
C ASP B 254 9.90 -34.29 5.36
N ALA B 255 10.19 -35.05 4.31
CA ALA B 255 10.59 -34.46 3.04
C ALA B 255 9.68 -33.30 2.67
N VAL B 256 8.40 -33.61 2.45
CA VAL B 256 7.42 -32.59 2.12
C VAL B 256 7.65 -31.33 2.95
N ALA B 257 7.66 -31.48 4.27
CA ALA B 257 7.90 -30.34 5.15
C ALA B 257 9.14 -29.57 4.73
N GLU B 258 10.25 -30.29 4.51
CA GLU B 258 11.49 -29.68 4.10
C GLU B 258 11.23 -28.86 2.85
N THR B 259 10.39 -29.39 2.00
CA THR B 259 10.04 -28.79 0.76
C THR B 259 9.34 -27.43 0.94
N VAL B 260 8.38 -27.40 1.84
CA VAL B 260 7.60 -26.22 2.07
C VAL B 260 8.49 -25.18 2.68
N LEU B 261 9.42 -25.61 3.50
CA LEU B 261 10.30 -24.66 4.12
C LEU B 261 11.23 -24.06 3.10
N ARG B 262 11.60 -24.83 2.10
CA ARG B 262 12.46 -24.34 1.06
C ARG B 262 11.79 -23.20 0.28
N PHE B 263 10.60 -23.47 -0.18
CA PHE B 263 9.82 -22.52 -0.95
C PHE B 263 9.56 -21.23 -0.21
N TYR B 264 9.37 -21.32 1.09
CA TYR B 264 9.08 -20.15 1.85
C TYR B 264 10.31 -19.33 2.01
N ASP B 265 11.43 -19.96 2.34
CA ASP B 265 12.64 -19.21 2.50
C ASP B 265 13.02 -18.62 1.18
N ALA B 266 12.78 -19.37 0.12
CA ALA B 266 13.11 -18.91 -1.21
C ALA B 266 12.21 -17.77 -1.58
N THR B 267 11.70 -17.10 -0.56
CA THR B 267 10.85 -15.93 -0.74
C THR B 267 10.91 -14.98 0.47
#